data_3VMO
#
_entry.id   3VMO
#
_cell.length_a   57.031
_cell.length_b   90.340
_cell.length_c   63.001
_cell.angle_alpha   90.00
_cell.angle_beta   100.33
_cell.angle_gamma   90.00
#
_symmetry.space_group_name_H-M   'P 1 21 1'
#
loop_
_entity.id
_entity.type
_entity.pdbx_description
1 polymer Dextranase
2 branched alpha-D-glucopyranose-(1-6)-alpha-D-glucopyranose-(1-6)-alpha-D-glucopyranose-(1-6)-beta-D-glucopyranose
3 branched alpha-D-glucopyranose-(1-6)-alpha-D-glucopyranose
4 non-polymer 'PHOSPHATE ION'
5 water water
#
_entity_poly.entity_id   1
_entity_poly.type   'polypeptide(L)'
_entity_poly.pdbx_seq_one_letter_code
;MDQKNGNMINLTTDKAVYQAGEAVHLNLTLNNTTSLAQNITATAEVYSLENKLKTLQYTKYLLPNESYTTQKGEFVIPAN
SLANNRGYLLKVNISDSQNNILEQGNRAIAVEDDWRTFPRYAAIGGSQKDNNSVLTKNLPDYYRELEQMKNMNINSYFFY
DVYKSATNPFPNVPKFDQSWNWWSHSQVETDAVKALVNRVHQTGAVAMLYNMILAQNANETAVLPDTEYIYNYETGGYGQ
NGQVMTYSIDDKPLQYYYNPLSKSWQNYISNAMAQAMKNGGFDGWQGDTIGDNRVLSHNQKDSRDIAHSFMLSDVYAEFL
NKMKEKLPQYYLTLNDVNGENISKLANSKQDVIYNELWPFGTSALGNRPQESYGDLKARVDQVRQATGKSLIVGAYMEEP
KFDDNRIPLNGAARDVLASATYQTDAVLLTTAAIAAAGGYHMSLAALANPNDGGGVGVLETAYYPTQSLKVSKELNRKNY
HYQQFITAYENLLRDKVENDSAEPQTFTANGRQLSQDALGINGDQVWTYAKKGNDFRTIQLLNLMGITSDWKNEDGYENN
KTPDEQTNLLVTYPLTGVSMAEADRIAKQVYLTSPDDWLQSSMISLATQVKTNENGDPVLYIQVPRLTLWDMIYILEHHH
HHH
;
_entity_poly.pdbx_strand_id   A
#
# COMPACT_ATOMS: atom_id res chain seq x y z
N ASN A 7 -11.29 11.11 -17.18
CA ASN A 7 -11.62 12.43 -17.78
C ASN A 7 -10.35 13.13 -18.33
N MET A 8 -10.51 14.36 -18.83
CA MET A 8 -9.40 15.17 -19.37
C MET A 8 -9.12 16.44 -18.53
N ILE A 9 -9.60 16.46 -17.27
CA ILE A 9 -9.35 17.59 -16.34
C ILE A 9 -7.84 17.69 -16.08
N ASN A 10 -7.14 16.58 -16.27
CA ASN A 10 -5.73 16.46 -15.91
C ASN A 10 -5.43 17.29 -14.67
N LEU A 11 -6.24 17.10 -13.63
CA LEU A 11 -6.02 17.76 -12.37
C LEU A 11 -4.70 17.27 -11.84
N THR A 12 -3.85 18.21 -11.43
CA THR A 12 -2.54 17.88 -10.91
C THR A 12 -2.29 18.83 -9.75
N THR A 13 -1.43 18.43 -8.84
CA THR A 13 -1.02 19.30 -7.77
C THR A 13 0.48 19.49 -7.93
N ASP A 14 1.03 20.51 -7.28
CA ASP A 14 2.46 20.72 -7.26
C ASP A 14 3.21 19.67 -6.40
N LYS A 15 2.55 19.05 -5.43
CA LYS A 15 3.23 18.04 -4.60
C LYS A 15 2.35 16.82 -4.37
N ALA A 16 2.91 15.72 -3.86
CA ALA A 16 2.08 14.56 -3.49
C ALA A 16 1.45 14.74 -2.12
N VAL A 17 2.12 15.55 -1.28
CA VAL A 17 1.78 15.71 0.14
C VAL A 17 2.20 17.09 0.58
N TYR A 18 1.46 17.63 1.55
CA TYR A 18 1.61 18.98 2.03
C TYR A 18 1.83 19.05 3.55
N GLN A 19 2.64 20.03 4.01
CA GLN A 19 2.68 20.40 5.44
C GLN A 19 1.56 21.38 5.69
N ALA A 20 1.05 21.42 6.92
CA ALA A 20 -0.07 22.30 7.23
C ALA A 20 0.24 23.74 6.84
N GLY A 21 1.49 24.16 7.05
CA GLY A 21 1.87 25.52 6.64
C GLY A 21 2.17 25.73 5.17
N GLU A 22 1.66 24.85 4.29
CA GLU A 22 1.92 24.94 2.83
C GLU A 22 0.64 25.20 2.05
N ALA A 23 0.75 26.04 1.02
CA ALA A 23 -0.39 26.24 0.12
C ALA A 23 -0.47 25.05 -0.85
N VAL A 24 -1.68 24.67 -1.29
CA VAL A 24 -1.78 23.67 -2.34
C VAL A 24 -2.04 24.37 -3.67
N HIS A 25 -1.13 24.22 -4.64
CA HIS A 25 -1.29 24.72 -6.00
C HIS A 25 -1.88 23.64 -6.88
N LEU A 26 -3.06 23.93 -7.42
CA LEU A 26 -3.79 22.96 -8.24
C LEU A 26 -3.70 23.50 -9.65
N ASN A 27 -3.54 22.60 -10.60
CA ASN A 27 -3.66 22.94 -12.00
C ASN A 27 -4.70 22.08 -12.63
N LEU A 28 -5.65 22.71 -13.30
CA LEU A 28 -6.65 21.89 -13.99
C LEU A 28 -6.97 22.46 -15.36
N THR A 29 -7.39 21.57 -16.25
CA THR A 29 -7.65 21.97 -17.64
C THR A 29 -9.15 22.07 -17.86
N LEU A 30 -9.60 23.25 -18.28
CA LEU A 30 -10.96 23.49 -18.71
C LEU A 30 -11.01 23.27 -20.20
N ASN A 31 -11.74 22.25 -20.63
CA ASN A 31 -11.86 21.93 -22.07
C ASN A 31 -13.25 22.28 -22.55
N ASN A 32 -13.39 23.14 -23.56
CA ASN A 32 -14.70 23.28 -24.18
C ASN A 32 -14.91 22.10 -25.16
N THR A 33 -15.50 21.03 -24.63
CA THR A 33 -15.75 19.86 -25.47
C THR A 33 -17.11 19.96 -26.20
N THR A 34 -17.61 21.17 -26.37
CA THR A 34 -18.91 21.40 -27.08
C THR A 34 -18.70 22.21 -28.36
N SER A 35 -19.77 22.33 -29.14
CA SER A 35 -19.73 23.01 -30.42
C SER A 35 -20.04 24.48 -30.28
N LEU A 36 -20.19 24.97 -29.04
CA LEU A 36 -20.59 26.35 -28.84
C LEU A 36 -19.56 27.12 -28.03
N ALA A 37 -19.08 28.25 -28.54
CA ALA A 37 -18.26 29.13 -27.70
C ALA A 37 -19.07 29.57 -26.51
N GLN A 38 -18.53 29.36 -25.30
CA GLN A 38 -19.24 29.74 -24.11
C GLN A 38 -18.27 29.74 -22.92
N ASN A 39 -18.75 30.30 -21.80
CA ASN A 39 -18.05 30.18 -20.52
C ASN A 39 -18.08 28.77 -20.01
N ILE A 40 -16.90 28.30 -19.63
CA ILE A 40 -16.72 26.98 -19.04
C ILE A 40 -16.23 27.22 -17.61
N THR A 41 -16.88 26.58 -16.65
CA THR A 41 -16.58 26.80 -15.23
C THR A 41 -16.01 25.50 -14.58
N ALA A 42 -14.88 25.64 -13.90
CA ALA A 42 -14.35 24.57 -13.05
C ALA A 42 -14.71 24.90 -11.60
N THR A 43 -15.35 23.97 -10.91
CA THR A 43 -15.68 24.15 -9.49
C THR A 43 -14.94 23.03 -8.70
N ALA A 44 -14.24 23.39 -7.62
CA ALA A 44 -13.57 22.35 -6.81
C ALA A 44 -14.04 22.53 -5.36
N GLU A 45 -14.84 21.60 -4.89
CA GLU A 45 -15.30 21.66 -3.51
C GLU A 45 -14.34 20.94 -2.57
N VAL A 46 -13.92 21.62 -1.50
CA VAL A 46 -12.97 21.06 -0.53
C VAL A 46 -13.70 20.43 0.65
N TYR A 47 -13.57 19.13 0.79
CA TYR A 47 -14.29 18.45 1.83
C TYR A 47 -13.36 17.90 2.88
N SER A 48 -13.79 17.93 4.13
CA SER A 48 -13.10 17.25 5.20
C SER A 48 -14.15 16.27 5.65
N LEU A 49 -13.98 15.00 5.30
CA LEU A 49 -15.06 14.03 5.47
C LEU A 49 -16.37 14.58 4.89
N GLU A 50 -17.44 14.60 5.69
CA GLU A 50 -18.74 15.00 5.14
C GLU A 50 -18.90 16.51 5.05
N ASN A 51 -17.97 17.27 5.60
CA ASN A 51 -18.14 18.74 5.64
C ASN A 51 -17.46 19.45 4.53
N LYS A 52 -18.23 20.26 3.78
CA LYS A 52 -17.67 21.06 2.73
C LYS A 52 -17.02 22.29 3.33
N LEU A 53 -15.70 22.38 3.24
CA LEU A 53 -15.00 23.48 3.85
C LEU A 53 -15.04 24.72 2.95
N LYS A 54 -14.85 24.51 1.66
CA LYS A 54 -14.66 25.62 0.73
C LYS A 54 -15.18 25.20 -0.62
N THR A 55 -15.49 26.19 -1.45
CA THR A 55 -15.78 25.95 -2.85
C THR A 55 -14.85 26.90 -3.62
N LEU A 56 -13.98 26.33 -4.41
CA LEU A 56 -13.16 27.15 -5.28
C LEU A 56 -13.78 27.12 -6.66
N GLN A 57 -13.52 28.13 -7.46
CA GLN A 57 -14.03 28.11 -8.85
C GLN A 57 -13.23 28.96 -9.79
N TYR A 58 -13.35 28.68 -11.08
CA TYR A 58 -12.66 29.46 -12.07
C TYR A 58 -13.42 29.34 -13.41
N THR A 59 -13.62 30.46 -14.11
CA THR A 59 -14.50 30.47 -15.32
C THR A 59 -13.73 31.15 -16.42
N LYS A 60 -13.71 30.49 -17.59
CA LYS A 60 -13.11 31.10 -18.76
C LYS A 60 -13.98 30.87 -20.00
N TYR A 61 -14.11 31.93 -20.81
CA TYR A 61 -14.77 31.85 -22.11
C TYR A 61 -13.87 31.14 -23.12
N LEU A 62 -14.39 30.07 -23.71
CA LEU A 62 -13.65 29.20 -24.58
C LEU A 62 -14.45 28.96 -25.86
N LEU A 63 -13.72 28.93 -26.97
CA LEU A 63 -14.26 28.59 -28.29
C LEU A 63 -14.38 27.07 -28.33
N PRO A 64 -15.21 26.56 -29.27
CA PRO A 64 -15.34 25.10 -29.41
C PRO A 64 -13.99 24.43 -29.54
N ASN A 65 -13.78 23.34 -28.80
CA ASN A 65 -12.52 22.62 -28.79
C ASN A 65 -11.35 23.30 -28.13
N GLU A 66 -11.53 24.53 -27.64
CA GLU A 66 -10.43 25.24 -27.00
C GLU A 66 -10.32 24.77 -25.55
N SER A 67 -9.08 24.63 -25.13
CA SER A 67 -8.78 24.23 -23.78
C SER A 67 -7.97 25.32 -23.11
N TYR A 68 -7.97 25.31 -21.79
CA TYR A 68 -7.15 26.22 -21.00
C TYR A 68 -6.77 25.53 -19.68
N THR A 69 -5.47 25.37 -19.49
CA THR A 69 -4.91 24.87 -18.24
C THR A 69 -4.63 26.04 -17.27
N THR A 70 -5.23 25.98 -16.09
CA THR A 70 -5.00 27.05 -15.10
C THR A 70 -3.48 27.16 -14.81
N GLN A 71 -3.03 28.37 -14.51
CA GLN A 71 -1.63 28.64 -14.19
C GLN A 71 -1.49 28.89 -12.69
N LYS A 72 -0.27 28.74 -12.17
CA LYS A 72 0.04 29.01 -10.77
C LYS A 72 -0.81 30.17 -10.23
N GLY A 73 -1.57 29.92 -9.17
CA GLY A 73 -2.34 31.01 -8.53
C GLY A 73 -3.85 31.00 -8.71
N GLU A 74 -4.33 30.39 -9.79
CA GLU A 74 -5.78 30.44 -10.06
C GLU A 74 -6.62 29.47 -9.21
N PHE A 75 -6.08 28.28 -8.91
CA PHE A 75 -6.68 27.38 -7.90
C PHE A 75 -5.64 27.14 -6.82
N VAL A 76 -5.88 27.70 -5.64
CA VAL A 76 -4.93 27.61 -4.55
C VAL A 76 -5.71 27.39 -3.28
N ILE A 77 -5.30 26.38 -2.51
CA ILE A 77 -5.72 26.30 -1.13
C ILE A 77 -4.61 26.93 -0.30
N PRO A 78 -4.88 28.09 0.34
CA PRO A 78 -3.82 28.88 0.96
C PRO A 78 -3.22 28.21 2.20
N ALA A 79 -1.93 28.48 2.44
CA ALA A 79 -1.22 27.93 3.59
C ALA A 79 -2.08 28.08 4.85
N ASN A 80 -1.97 27.12 5.77
CA ASN A 80 -2.67 27.17 7.05
C ASN A 80 -4.21 27.05 7.01
N SER A 81 -4.79 26.57 5.90
CA SER A 81 -6.27 26.44 5.88
C SER A 81 -6.75 25.04 6.24
N LEU A 82 -5.82 24.10 6.32
CA LEU A 82 -6.11 22.70 6.56
C LEU A 82 -5.38 22.23 7.82
N ALA A 83 -6.00 21.34 8.57
CA ALA A 83 -5.38 20.73 9.75
C ALA A 83 -4.34 19.65 9.37
N ASN A 84 -3.32 19.55 10.21
CA ASN A 84 -2.23 18.60 10.05
C ASN A 84 -2.68 17.15 10.22
N ASN A 85 -2.00 16.23 9.53
CA ASN A 85 -2.26 14.80 9.66
C ASN A 85 -3.71 14.43 9.36
N ARG A 86 -4.21 15.03 8.29
CA ARG A 86 -5.54 14.79 7.81
C ARG A 86 -5.57 14.61 6.28
N GLY A 87 -6.60 13.91 5.86
CA GLY A 87 -6.91 13.68 4.42
C GLY A 87 -8.17 14.45 4.09
N TYR A 88 -8.16 15.04 2.90
CA TYR A 88 -9.24 15.87 2.36
C TYR A 88 -9.64 15.35 0.98
N LEU A 89 -10.83 15.76 0.53
CA LEU A 89 -11.28 15.37 -0.82
C LEU A 89 -11.68 16.62 -1.60
N LEU A 90 -11.10 16.79 -2.77
CA LEU A 90 -11.52 17.84 -3.68
C LEU A 90 -12.47 17.23 -4.70
N LYS A 91 -13.69 17.74 -4.77
CA LYS A 91 -14.66 17.22 -5.75
C LYS A 91 -14.73 18.23 -6.88
N VAL A 92 -14.26 17.84 -8.06
CA VAL A 92 -14.19 18.77 -9.20
C VAL A 92 -15.30 18.49 -10.23
N ASN A 93 -15.99 19.56 -10.66
CA ASN A 93 -16.91 19.51 -11.78
C ASN A 93 -16.53 20.61 -12.79
N ILE A 94 -16.59 20.26 -14.07
CA ILE A 94 -16.39 21.25 -15.17
C ILE A 94 -17.77 21.33 -15.80
N SER A 95 -18.37 22.52 -15.82
CA SER A 95 -19.72 22.68 -16.30
C SER A 95 -19.75 23.70 -17.43
N ASP A 96 -20.77 23.62 -18.29
CA ASP A 96 -20.91 24.62 -19.33
C ASP A 96 -21.74 25.81 -18.83
N SER A 97 -22.10 26.73 -19.74
CA SER A 97 -22.79 27.90 -19.28
C SER A 97 -24.26 27.61 -18.95
N GLN A 98 -24.76 26.42 -19.29
CA GLN A 98 -26.10 26.02 -18.85
C GLN A 98 -26.06 25.11 -17.59
N ASN A 99 -24.89 25.04 -16.92
CA ASN A 99 -24.68 24.16 -15.75
C ASN A 99 -24.75 22.66 -16.01
N ASN A 100 -24.65 22.22 -17.28
CA ASN A 100 -24.42 20.81 -17.58
C ASN A 100 -23.02 20.43 -17.13
N ILE A 101 -22.89 19.24 -16.56
CA ILE A 101 -21.58 18.77 -16.16
C ILE A 101 -20.93 18.06 -17.29
N LEU A 102 -19.83 18.59 -17.75
CA LEU A 102 -19.11 18.01 -18.88
C LEU A 102 -18.11 16.96 -18.42
N GLU A 103 -17.45 17.21 -17.28
CA GLU A 103 -16.46 16.27 -16.74
C GLU A 103 -16.47 16.43 -15.24
N GLN A 104 -16.03 15.37 -14.55
CA GLN A 104 -16.04 15.34 -13.06
C GLN A 104 -14.86 14.45 -12.67
N GLY A 105 -14.23 14.74 -11.54
CA GLY A 105 -13.23 13.83 -11.00
C GLY A 105 -13.00 14.28 -9.56
N ASN A 106 -12.66 13.32 -8.68
CA ASN A 106 -12.37 13.64 -7.27
C ASN A 106 -10.91 13.33 -6.97
N ARG A 107 -10.27 14.18 -6.18
CA ARG A 107 -8.87 14.04 -5.89
C ARG A 107 -8.66 14.30 -4.40
N ALA A 108 -8.00 13.37 -3.74
CA ALA A 108 -7.62 13.59 -2.36
C ALA A 108 -6.44 14.50 -2.19
N ILE A 109 -6.38 15.11 -0.99
CA ILE A 109 -5.25 15.92 -0.58
C ILE A 109 -4.79 15.43 0.80
N ALA A 110 -3.50 15.12 0.91
CA ALA A 110 -2.88 14.62 2.18
C ALA A 110 -2.04 15.72 2.83
N VAL A 111 -2.36 16.06 4.07
CA VAL A 111 -1.53 17.01 4.82
C VAL A 111 -0.96 16.23 5.99
N GLU A 112 0.37 16.22 6.13
CA GLU A 112 1.02 15.40 7.17
C GLU A 112 2.46 15.89 7.37
N ASP A 113 2.98 15.71 8.59
CA ASP A 113 4.35 16.12 8.96
C ASP A 113 5.31 15.27 8.18
N ASP A 114 4.97 13.98 8.08
CA ASP A 114 5.80 13.05 7.35
C ASP A 114 5.06 11.77 7.09
N TRP A 115 5.76 10.85 6.44
CA TRP A 115 5.09 9.66 5.88
C TRP A 115 4.69 8.59 6.91
N ARG A 116 5.16 8.70 8.16
CA ARG A 116 5.13 7.52 9.04
C ARG A 116 3.76 7.30 9.61
N THR A 117 2.95 8.35 9.69
CA THR A 117 1.59 8.16 10.29
C THR A 117 0.66 7.39 9.35
N PHE A 118 0.64 7.81 8.08
CA PHE A 118 -0.23 7.15 7.11
C PHE A 118 0.69 6.82 5.90
N PRO A 119 1.47 5.76 5.99
CA PRO A 119 2.41 5.39 4.87
C PRO A 119 1.59 4.98 3.63
N ARG A 120 1.99 5.48 2.47
CA ARG A 120 1.33 5.17 1.18
C ARG A 120 2.57 4.96 0.28
N TYR A 121 3.01 3.70 0.25
CA TYR A 121 4.37 3.31 -0.23
C TYR A 121 4.23 2.61 -1.57
N ALA A 122 5.03 3.06 -2.53
CA ALA A 122 5.06 2.47 -3.89
C ALA A 122 6.49 2.01 -4.21
N ALA A 123 6.60 1.05 -5.12
CA ALA A 123 7.90 0.51 -5.54
C ALA A 123 8.48 1.22 -6.76
N ILE A 124 9.82 1.24 -6.84
CA ILE A 124 10.51 1.71 -8.05
C ILE A 124 11.54 0.61 -8.35
N GLY A 125 11.59 0.15 -9.58
CA GLY A 125 12.55 -0.93 -9.92
C GLY A 125 13.00 -0.78 -11.37
N GLY A 126 13.92 -1.67 -11.77
CA GLY A 126 14.45 -1.74 -13.13
C GLY A 126 13.42 -2.13 -14.18
N SER A 127 13.82 -2.00 -15.45
CA SER A 127 12.91 -2.22 -16.57
C SER A 127 13.12 -3.59 -17.19
N GLN A 128 12.06 -4.42 -17.16
CA GLN A 128 12.08 -5.74 -17.83
C GLN A 128 12.56 -5.69 -19.29
N LYS A 129 12.11 -4.71 -20.06
CA LYS A 129 12.47 -4.67 -21.49
C LYS A 129 13.98 -4.39 -21.70
N ASP A 130 14.72 -4.18 -20.59
CA ASP A 130 16.15 -3.83 -20.65
C ASP A 130 16.95 -4.62 -19.64
N ASN A 131 16.72 -5.92 -19.61
CA ASN A 131 17.36 -6.79 -18.63
C ASN A 131 17.23 -6.34 -17.16
N ASN A 132 16.18 -5.59 -16.84
CA ASN A 132 15.86 -5.22 -15.44
C ASN A 132 16.77 -4.12 -14.92
N SER A 133 17.35 -3.37 -15.86
CA SER A 133 18.31 -2.37 -15.55
C SER A 133 17.60 -1.07 -15.21
N VAL A 134 18.29 -0.25 -14.44
CA VAL A 134 17.90 1.12 -14.13
C VAL A 134 18.75 2.10 -14.94
N LEU A 135 18.12 2.72 -15.92
CA LEU A 135 18.84 3.36 -17.01
C LEU A 135 18.27 4.71 -17.27
N THR A 136 19.20 5.65 -17.45
CA THR A 136 18.89 7.04 -17.76
C THR A 136 17.92 7.14 -18.92
N LYS A 137 18.04 6.23 -19.89
CA LYS A 137 17.22 6.36 -21.09
C LYS A 137 15.71 6.14 -20.81
N ASN A 138 15.42 5.45 -19.69
CA ASN A 138 14.05 5.14 -19.25
C ASN A 138 13.42 6.20 -18.33
N LEU A 139 14.15 7.28 -18.07
CA LEU A 139 13.66 8.39 -17.24
C LEU A 139 12.33 8.97 -17.69
N PRO A 140 12.13 9.15 -19.03
CA PRO A 140 10.84 9.74 -19.42
C PRO A 140 9.67 8.88 -18.98
N ASP A 141 9.79 7.55 -19.08
CA ASP A 141 8.71 6.64 -18.69
C ASP A 141 8.56 6.61 -17.16
N TYR A 142 9.68 6.62 -16.43
CA TYR A 142 9.68 6.74 -14.98
C TYR A 142 9.02 8.02 -14.55
N TYR A 143 9.39 9.13 -15.19
CA TYR A 143 8.79 10.44 -14.90
C TYR A 143 7.27 10.49 -15.11
N ARG A 144 6.80 9.89 -16.20
CA ARG A 144 5.36 9.86 -16.43
C ARG A 144 4.67 9.03 -15.31
N GLU A 145 5.29 7.93 -14.94
CA GLU A 145 4.77 7.07 -13.85
C GLU A 145 4.80 7.82 -12.51
N LEU A 146 5.82 8.64 -12.29
CA LEU A 146 5.94 9.38 -11.04
C LEU A 146 5.00 10.54 -10.92
N GLU A 147 4.63 11.14 -12.07
CA GLU A 147 3.58 12.11 -12.09
C GLU A 147 2.29 11.47 -11.62
N GLN A 148 1.99 10.29 -12.13
CA GLN A 148 0.75 9.57 -11.71
C GLN A 148 0.79 9.22 -10.23
N MET A 149 1.94 8.73 -9.78
CA MET A 149 2.11 8.39 -8.34
C MET A 149 1.93 9.62 -7.47
N LYS A 150 2.49 10.74 -7.92
CA LYS A 150 2.37 11.99 -7.17
C LYS A 150 0.90 12.37 -7.01
N ASN A 151 0.14 12.29 -8.13
CA ASN A 151 -1.28 12.60 -8.09
C ASN A 151 -2.16 11.55 -7.41
N MET A 152 -1.57 10.43 -7.03
CA MET A 152 -2.18 9.45 -6.14
C MET A 152 -1.74 9.65 -4.65
N ASN A 153 -0.96 10.70 -4.43
CA ASN A 153 -0.58 11.17 -3.06
C ASN A 153 0.40 10.22 -2.41
N ILE A 154 1.18 9.51 -3.23
CA ILE A 154 2.22 8.61 -2.73
C ILE A 154 3.25 9.42 -1.91
N ASN A 155 3.57 8.95 -0.71
CA ASN A 155 4.48 9.72 0.16
C ASN A 155 5.81 9.05 0.36
N SER A 156 6.00 7.88 -0.24
CA SER A 156 7.26 7.14 -0.04
C SER A 156 7.49 6.11 -1.13
N TYR A 157 8.77 5.81 -1.41
CA TYR A 157 9.11 4.87 -2.49
C TYR A 157 10.16 3.88 -2.03
N PHE A 158 9.92 2.62 -2.34
CA PHE A 158 10.79 1.49 -2.04
C PHE A 158 11.63 1.29 -3.32
N PHE A 159 12.94 1.63 -3.24
CA PHE A 159 13.82 1.48 -4.44
C PHE A 159 14.37 0.08 -4.39
N TYR A 160 13.79 -0.77 -5.24
CA TYR A 160 14.09 -2.19 -5.28
C TYR A 160 15.29 -2.48 -6.21
N ASP A 161 16.26 -3.24 -5.71
CA ASP A 161 17.45 -3.63 -6.52
C ASP A 161 18.05 -2.48 -7.29
N VAL A 162 18.37 -1.39 -6.61
CA VAL A 162 19.22 -0.40 -7.18
C VAL A 162 20.62 -0.49 -6.55
N TYR A 163 20.95 -1.57 -5.86
CA TYR A 163 22.18 -1.62 -5.09
C TYR A 163 23.22 -2.51 -5.78
N LYS A 164 24.50 -2.21 -5.53
CA LYS A 164 25.62 -2.99 -6.12
C LYS A 164 25.81 -4.32 -5.44
N SER A 165 26.04 -4.33 -4.14
CA SER A 165 26.16 -5.55 -3.42
C SER A 165 25.71 -5.19 -2.06
N ALA A 166 25.34 -6.19 -1.29
CA ALA A 166 24.83 -6.00 0.05
C ALA A 166 25.82 -5.28 0.99
N THR A 167 27.14 -5.46 0.74
CA THR A 167 28.16 -4.82 1.60
C THR A 167 28.70 -3.50 0.99
N ASN A 168 28.35 -3.24 -0.27
CA ASN A 168 28.71 -2.02 -0.96
C ASN A 168 27.51 -1.50 -1.77
N PRO A 169 26.47 -1.01 -1.07
CA PRO A 169 25.14 -0.77 -1.69
C PRO A 169 25.06 0.30 -2.80
N PHE A 170 25.72 1.44 -2.65
CA PHE A 170 25.56 2.47 -3.69
C PHE A 170 26.82 3.29 -3.79
N PRO A 171 27.87 2.72 -4.43
CA PRO A 171 29.15 3.47 -4.61
C PRO A 171 29.03 4.66 -5.54
N ASN A 172 29.92 5.64 -5.35
CA ASN A 172 30.00 6.78 -6.24
C ASN A 172 30.77 6.42 -7.50
N VAL A 173 30.09 5.72 -8.40
CA VAL A 173 30.61 5.41 -9.73
C VAL A 173 29.48 5.73 -10.69
N PRO A 174 29.80 5.98 -11.98
CA PRO A 174 28.67 6.33 -12.85
C PRO A 174 27.78 5.13 -13.19
N LYS A 175 28.36 3.92 -13.17
CA LYS A 175 27.63 2.71 -13.52
C LYS A 175 28.22 1.49 -12.86
N PHE A 176 27.36 0.62 -12.35
CA PHE A 176 27.83 -0.65 -11.85
C PHE A 176 27.02 -1.81 -12.38
N ASP A 177 27.56 -2.99 -12.13
CA ASP A 177 26.96 -4.22 -12.53
C ASP A 177 26.48 -4.89 -11.28
N GLN A 178 25.22 -5.27 -11.32
CA GLN A 178 24.67 -6.13 -10.30
C GLN A 178 25.05 -7.48 -10.89
N SER A 179 26.24 -7.91 -10.52
CA SER A 179 26.89 -9.03 -11.19
C SER A 179 26.36 -10.32 -10.57
N TRP A 180 25.88 -10.19 -9.32
CA TRP A 180 25.11 -11.24 -8.65
C TRP A 180 23.86 -11.63 -9.43
N ASN A 181 23.38 -10.73 -10.29
CA ASN A 181 22.20 -11.01 -11.13
C ASN A 181 22.57 -11.78 -12.41
N TRP A 182 22.44 -13.10 -12.36
CA TRP A 182 22.82 -13.97 -13.49
C TRP A 182 21.72 -14.16 -14.55
N TRP A 183 20.48 -13.88 -14.17
CA TRP A 183 19.31 -14.14 -15.03
C TRP A 183 19.14 -13.06 -16.11
N SER A 184 19.47 -11.82 -15.76
CA SER A 184 19.26 -10.74 -16.72
C SER A 184 20.47 -9.82 -16.89
N HIS A 185 21.50 -10.00 -16.07
CA HIS A 185 22.69 -9.13 -16.04
C HIS A 185 22.34 -7.63 -16.03
N SER A 186 21.57 -7.22 -15.01
CA SER A 186 21.10 -5.85 -14.92
C SER A 186 22.25 -4.96 -14.56
N GLN A 187 22.21 -3.74 -15.07
CA GLN A 187 23.14 -2.72 -14.62
C GLN A 187 22.35 -1.54 -14.03
N VAL A 188 23.01 -0.79 -13.16
CA VAL A 188 22.47 0.46 -12.65
C VAL A 188 23.34 1.64 -13.09
N GLU A 189 22.74 2.58 -13.82
CA GLU A 189 23.28 3.92 -13.95
C GLU A 189 22.90 4.76 -12.73
N THR A 190 23.90 5.24 -12.01
CA THR A 190 23.65 5.88 -10.72
C THR A 190 23.02 7.25 -10.86
N ASP A 191 23.30 7.91 -11.99
CA ASP A 191 22.64 9.15 -12.32
C ASP A 191 21.11 9.02 -12.55
N ALA A 192 20.70 7.88 -13.07
CA ALA A 192 19.27 7.52 -13.22
C ALA A 192 18.67 7.39 -11.81
N VAL A 193 19.31 6.60 -10.95
CA VAL A 193 18.82 6.44 -9.53
C VAL A 193 18.67 7.78 -8.81
N LYS A 194 19.66 8.65 -8.99
CA LYS A 194 19.66 9.96 -8.40
C LYS A 194 18.57 10.88 -8.95
N ALA A 195 18.34 10.83 -10.27
CA ALA A 195 17.29 11.60 -10.92
C ALA A 195 15.96 11.18 -10.32
N LEU A 196 15.80 9.90 -10.11
CA LEU A 196 14.53 9.36 -9.55
C LEU A 196 14.32 9.81 -8.09
N VAL A 197 15.37 9.71 -7.30
CA VAL A 197 15.35 10.20 -5.91
C VAL A 197 15.03 11.68 -5.89
N ASN A 198 15.67 12.45 -6.78
CA ASN A 198 15.35 13.87 -6.85
C ASN A 198 13.91 14.15 -7.20
N ARG A 199 13.37 13.43 -8.17
CA ARG A 199 11.97 13.68 -8.58
C ARG A 199 11.02 13.31 -7.43
N VAL A 200 11.29 12.19 -6.77
CA VAL A 200 10.53 11.78 -5.56
C VAL A 200 10.52 12.93 -4.52
N HIS A 201 11.70 13.51 -4.29
CA HIS A 201 11.86 14.63 -3.37
C HIS A 201 11.09 15.87 -3.80
N GLN A 202 11.01 16.14 -5.11
CA GLN A 202 10.24 17.32 -5.55
C GLN A 202 8.76 17.17 -5.19
N THR A 203 8.29 15.92 -5.17
CA THR A 203 6.87 15.64 -4.81
C THR A 203 6.60 15.70 -3.30
N GLY A 204 7.67 15.70 -2.50
CA GLY A 204 7.52 15.76 -1.04
C GLY A 204 7.59 14.35 -0.46
N ALA A 205 7.85 13.36 -1.32
CA ALA A 205 7.95 11.97 -0.90
C ALA A 205 9.35 11.62 -0.41
N VAL A 206 9.45 10.50 0.29
CA VAL A 206 10.79 10.01 0.68
C VAL A 206 11.23 8.79 -0.14
N ALA A 207 12.54 8.59 -0.18
CA ALA A 207 13.17 7.53 -0.94
C ALA A 207 13.87 6.53 -0.01
N MET A 208 13.44 5.26 -0.06
CA MET A 208 14.00 4.24 0.81
C MET A 208 14.87 3.27 0.01
N LEU A 209 16.06 3.01 0.54
CA LEU A 209 16.97 2.08 -0.11
C LEU A 209 16.81 0.68 0.39
N TYR A 210 16.45 -0.23 -0.52
CA TYR A 210 16.33 -1.66 -0.18
C TYR A 210 17.74 -2.26 -0.06
N ASN A 211 17.99 -2.94 1.06
CA ASN A 211 19.18 -3.76 1.23
C ASN A 211 18.99 -4.74 2.37
N MET A 212 19.56 -5.94 2.21
CA MET A 212 19.64 -6.88 3.32
C MET A 212 20.41 -6.32 4.51
N ILE A 213 20.24 -6.95 5.66
CA ILE A 213 20.85 -6.44 6.88
C ILE A 213 22.00 -7.33 7.39
N LEU A 214 22.09 -8.55 6.88
CA LEU A 214 23.07 -9.51 7.44
C LEU A 214 23.95 -10.23 6.42
N ALA A 215 23.79 -9.83 5.18
CA ALA A 215 24.30 -10.57 4.06
C ALA A 215 25.62 -10.06 3.48
N GLN A 216 26.38 -11.04 3.01
CA GLN A 216 27.61 -10.87 2.29
C GLN A 216 27.38 -11.67 1.02
N ASN A 217 27.35 -10.98 -0.13
CA ASN A 217 27.18 -11.64 -1.43
C ASN A 217 28.19 -12.77 -1.74
N ALA A 218 27.87 -13.53 -2.79
CA ALA A 218 28.63 -14.72 -3.22
C ALA A 218 29.85 -14.32 -3.98
N ASN A 219 29.58 -13.62 -5.09
CA ASN A 219 30.59 -13.21 -6.06
C ASN A 219 31.62 -12.19 -5.54
N GLU A 220 31.82 -12.13 -4.21
CA GLU A 220 32.71 -11.15 -3.54
C GLU A 220 33.41 -11.72 -2.29
N THR A 221 34.34 -10.95 -1.72
CA THR A 221 35.22 -11.34 -0.58
C THR A 221 34.72 -10.89 0.82
N ALA A 222 34.85 -11.78 1.83
CA ALA A 222 34.48 -11.45 3.21
C ALA A 222 35.01 -10.11 3.65
N VAL A 223 34.13 -9.27 4.20
CA VAL A 223 34.50 -7.95 4.67
C VAL A 223 34.90 -8.05 6.14
N LEU A 224 34.53 -9.15 6.79
CA LEU A 224 34.98 -9.40 8.17
C LEU A 224 35.50 -10.84 8.35
N PRO A 225 36.31 -11.09 9.40
CA PRO A 225 36.76 -12.46 9.70
C PRO A 225 35.64 -13.29 10.33
N ASP A 226 35.79 -14.61 10.30
CA ASP A 226 34.72 -15.56 10.63
C ASP A 226 34.31 -15.61 12.10
N THR A 227 35.06 -14.93 12.99
CA THR A 227 34.56 -14.81 14.36
C THR A 227 33.19 -14.06 14.39
N GLU A 228 32.85 -13.40 13.28
CA GLU A 228 31.68 -12.51 13.21
C GLU A 228 30.53 -13.15 12.43
N TYR A 229 30.81 -14.26 11.76
CA TYR A 229 29.76 -15.08 11.14
C TYR A 229 28.85 -15.74 12.16
N ILE A 230 27.71 -16.19 11.62
CA ILE A 230 26.67 -16.89 12.36
C ILE A 230 26.58 -18.34 11.86
N TYR A 231 26.43 -19.27 12.81
CA TYR A 231 26.55 -20.68 12.50
C TYR A 231 25.22 -21.45 12.70
N ASN A 232 25.00 -22.48 11.89
CA ASN A 232 23.77 -23.30 11.97
C ASN A 232 23.79 -24.14 13.23
N TYR A 233 22.69 -24.12 13.98
CA TYR A 233 22.57 -25.05 15.11
C TYR A 233 22.27 -26.45 14.60
N GLU A 234 21.33 -26.53 13.65
CA GLU A 234 20.91 -27.79 13.06
C GLU A 234 21.19 -27.78 11.55
N THR A 235 21.84 -28.84 11.04
CA THR A 235 21.86 -29.09 9.59
C THR A 235 20.44 -29.05 8.99
N GLY A 236 20.22 -28.20 7.99
CA GLY A 236 18.96 -28.12 7.26
C GLY A 236 19.16 -27.28 6.01
N GLY A 237 18.13 -26.50 5.64
CA GLY A 237 18.21 -25.56 4.51
C GLY A 237 19.45 -24.69 4.33
N TYR A 238 20.14 -24.34 5.42
CA TYR A 238 21.32 -23.46 5.32
C TYR A 238 22.69 -24.14 5.53
N GLY A 239 22.75 -25.47 5.36
CA GLY A 239 24.00 -26.22 5.55
C GLY A 239 24.10 -27.03 6.84
N GLN A 240 25.31 -27.47 7.17
CA GLN A 240 25.57 -28.31 8.35
C GLN A 240 25.63 -27.51 9.63
N ASN A 241 25.29 -28.17 10.74
CA ASN A 241 25.57 -27.64 12.08
C ASN A 241 27.07 -27.40 12.28
N GLY A 242 27.41 -26.34 12.99
CA GLY A 242 28.78 -25.86 13.05
C GLY A 242 29.29 -25.23 11.75
N GLN A 243 28.43 -25.19 10.72
CA GLN A 243 28.79 -24.54 9.44
C GLN A 243 28.23 -23.11 9.38
N VAL A 244 29.04 -22.17 8.90
CA VAL A 244 28.59 -20.80 8.59
C VAL A 244 27.21 -20.85 7.91
N MET A 245 26.29 -19.99 8.37
CA MET A 245 24.94 -19.97 7.79
C MET A 245 25.00 -19.53 6.32
N THR A 246 24.72 -20.48 5.43
CA THR A 246 24.88 -20.29 3.99
C THR A 246 23.56 -20.42 3.18
N TYR A 247 23.21 -19.36 2.48
CA TYR A 247 22.17 -19.49 1.44
C TYR A 247 22.79 -20.14 0.20
N SER A 248 22.20 -21.24 -0.28
CA SER A 248 22.61 -21.89 -1.53
C SER A 248 21.47 -21.94 -2.56
N PRO A 253 25.56 -21.85 -4.00
CA PRO A 253 26.16 -21.07 -2.90
C PRO A 253 26.24 -19.61 -3.30
N LEU A 254 25.50 -18.77 -2.57
CA LEU A 254 25.29 -17.37 -2.95
C LEU A 254 25.53 -16.31 -1.85
N GLN A 255 25.35 -16.67 -0.58
CA GLN A 255 25.43 -15.68 0.51
C GLN A 255 25.69 -16.31 1.88
N TYR A 256 26.60 -15.69 2.63
CA TYR A 256 26.72 -15.99 4.03
C TYR A 256 26.14 -14.85 4.88
N TYR A 257 26.08 -15.08 6.19
CA TYR A 257 25.42 -14.16 7.09
C TYR A 257 26.15 -13.99 8.37
N TYR A 258 26.12 -12.76 8.84
CA TYR A 258 26.85 -12.41 10.01
C TYR A 258 25.94 -12.48 11.20
N ASN A 259 26.56 -12.65 12.36
CA ASN A 259 25.90 -12.66 13.64
C ASN A 259 25.36 -11.24 13.87
N PRO A 260 24.06 -11.10 14.17
CA PRO A 260 23.53 -9.76 14.39
C PRO A 260 24.04 -9.16 15.68
N LEU A 261 24.61 -9.99 16.56
CA LEU A 261 25.15 -9.50 17.81
C LEU A 261 26.66 -9.12 17.74
N SER A 262 27.25 -9.32 16.56
CA SER A 262 28.60 -8.88 16.23
C SER A 262 28.72 -7.37 16.16
N LYS A 263 29.40 -6.81 17.14
CA LYS A 263 29.57 -5.38 17.20
C LYS A 263 30.24 -4.88 15.93
N SER A 264 31.16 -5.67 15.36
CA SER A 264 31.91 -5.28 14.17
C SER A 264 31.06 -5.31 12.87
N TRP A 265 30.15 -6.27 12.78
CA TRP A 265 29.23 -6.28 11.64
C TRP A 265 28.26 -5.09 11.74
N GLN A 266 27.73 -4.84 12.92
CA GLN A 266 26.80 -3.72 13.16
C GLN A 266 27.45 -2.42 12.68
N ASN A 267 28.68 -2.19 13.15
CA ASN A 267 29.48 -1.04 12.70
C ASN A 267 29.71 -0.99 11.21
N TYR A 268 30.04 -2.13 10.61
CA TYR A 268 30.33 -2.22 9.19
C TYR A 268 29.14 -1.82 8.29
N ILE A 269 28.00 -2.49 8.53
CA ILE A 269 26.84 -2.31 7.65
C ILE A 269 26.15 -0.96 7.88
N SER A 270 26.14 -0.48 9.12
CA SER A 270 25.58 0.84 9.40
C SER A 270 26.38 1.90 8.62
N ASN A 271 27.72 1.83 8.72
CA ASN A 271 28.58 2.73 7.97
C ASN A 271 28.44 2.59 6.44
N ALA A 272 28.35 1.36 5.94
CA ALA A 272 28.19 1.12 4.50
C ALA A 272 26.89 1.75 4.05
N MET A 273 25.82 1.61 4.85
CA MET A 273 24.52 2.16 4.47
C MET A 273 24.52 3.66 4.62
N ALA A 274 25.19 4.19 5.66
CA ALA A 274 25.27 5.66 5.79
C ALA A 274 25.82 6.29 4.50
N GLN A 275 26.95 5.77 3.99
CA GLN A 275 27.51 6.33 2.77
C GLN A 275 26.62 6.06 1.56
N ALA A 276 26.12 4.85 1.41
CA ALA A 276 25.24 4.58 0.27
C ALA A 276 24.04 5.51 0.22
N MET A 277 23.40 5.75 1.37
CA MET A 277 22.20 6.61 1.36
C MET A 277 22.60 8.03 1.07
N LYS A 278 23.72 8.46 1.66
CA LYS A 278 24.22 9.78 1.39
C LYS A 278 24.53 9.96 -0.09
N ASN A 279 25.17 8.96 -0.72
CA ASN A 279 25.52 9.07 -2.16
C ASN A 279 24.27 9.24 -3.04
N GLY A 280 23.21 8.46 -2.74
CA GLY A 280 22.00 8.50 -3.53
C GLY A 280 21.01 9.58 -3.15
N GLY A 281 21.21 10.20 -2.00
CA GLY A 281 20.23 11.15 -1.45
C GLY A 281 19.03 10.40 -0.84
N PHE A 282 19.20 9.12 -0.53
CA PHE A 282 18.13 8.31 0.14
C PHE A 282 17.76 8.83 1.52
N ASP A 283 16.50 8.60 1.90
CA ASP A 283 16.00 9.08 3.19
C ASP A 283 16.01 8.03 4.25
N GLY A 284 16.17 6.78 3.83
CA GLY A 284 16.27 5.71 4.74
C GLY A 284 16.50 4.37 4.09
N TRP A 285 16.35 3.36 4.93
CA TRP A 285 16.76 1.98 4.65
C TRP A 285 15.57 1.04 4.74
N GLN A 286 15.19 0.53 3.58
CA GLN A 286 14.25 -0.60 3.53
C GLN A 286 14.99 -1.94 3.80
N GLY A 287 14.95 -2.36 5.07
CA GLY A 287 15.66 -3.54 5.53
C GLY A 287 15.03 -4.82 5.08
N ASP A 288 15.86 -5.76 4.62
CA ASP A 288 15.39 -7.10 4.30
C ASP A 288 16.23 -8.16 4.95
N THR A 289 15.65 -9.35 5.08
CA THR A 289 16.36 -10.55 5.48
C THR A 289 15.69 -11.66 4.71
N ILE A 290 16.41 -12.75 4.45
CA ILE A 290 15.73 -13.90 3.86
C ILE A 290 14.81 -14.61 4.85
N GLY A 291 15.36 -15.12 5.94
CA GLY A 291 14.56 -15.91 6.84
C GLY A 291 15.17 -16.21 8.18
N ASP A 292 14.41 -16.97 8.96
CA ASP A 292 14.76 -17.20 10.33
C ASP A 292 15.54 -18.53 10.47
N ASN A 293 16.33 -18.65 11.55
CA ASN A 293 17.17 -19.82 11.69
C ASN A 293 17.60 -19.92 13.14
N ARG A 294 17.79 -21.14 13.62
CA ARG A 294 18.35 -21.32 14.97
C ARG A 294 19.84 -21.44 14.79
N VAL A 295 20.61 -20.67 15.56
CA VAL A 295 22.00 -20.45 15.20
C VAL A 295 22.92 -20.44 16.41
N LEU A 296 24.23 -20.47 16.14
CA LEU A 296 25.29 -20.36 17.16
C LEU A 296 26.31 -19.31 16.76
N SER A 297 26.85 -18.61 17.76
CA SER A 297 27.97 -17.69 17.52
C SER A 297 29.20 -18.52 17.17
N HIS A 298 30.27 -17.89 16.66
CA HIS A 298 31.53 -18.58 16.37
C HIS A 298 32.10 -19.36 17.58
N ASN A 299 32.05 -18.75 18.76
CA ASN A 299 32.57 -19.39 19.97
C ASN A 299 31.71 -20.56 20.49
N GLN A 300 30.53 -20.74 19.88
CA GLN A 300 29.60 -21.79 20.28
C GLN A 300 29.38 -22.75 19.13
N LYS A 301 30.01 -22.48 17.98
CA LYS A 301 29.75 -23.23 16.74
C LYS A 301 29.93 -24.77 16.80
N ASP A 302 30.76 -25.27 17.72
CA ASP A 302 30.97 -26.73 17.95
C ASP A 302 30.07 -27.36 19.02
N SER A 303 29.27 -26.52 19.71
CA SER A 303 28.38 -26.94 20.80
C SER A 303 27.09 -27.56 20.25
N ARG A 304 26.53 -28.53 20.98
CA ARG A 304 25.29 -29.21 20.61
C ARG A 304 24.19 -28.92 21.63
N ASP A 305 24.53 -28.17 22.66
CA ASP A 305 23.61 -27.82 23.72
C ASP A 305 22.75 -26.68 23.19
N ILE A 306 21.46 -26.98 23.02
CA ILE A 306 20.49 -26.03 22.43
C ILE A 306 20.32 -24.73 23.23
N ALA A 307 20.67 -24.75 24.52
CA ALA A 307 20.60 -23.51 25.34
C ALA A 307 21.75 -22.55 25.03
N HIS A 308 22.72 -23.00 24.24
CA HIS A 308 23.84 -22.18 23.76
C HIS A 308 23.50 -21.59 22.38
N SER A 309 22.36 -22.03 21.82
CA SER A 309 21.85 -21.54 20.52
C SER A 309 20.78 -20.46 20.68
N PHE A 310 20.41 -19.83 19.57
CA PHE A 310 19.32 -18.82 19.55
C PHE A 310 18.72 -18.63 18.16
N MET A 311 17.55 -18.01 18.12
CA MET A 311 16.80 -17.79 16.87
C MET A 311 17.14 -16.37 16.34
N LEU A 312 17.36 -16.22 15.03
CA LEU A 312 17.71 -14.88 14.48
C LEU A 312 16.72 -13.79 14.84
N SER A 313 15.43 -14.08 14.63
CA SER A 313 14.38 -13.12 14.92
C SER A 313 14.41 -12.65 16.37
N ASP A 314 14.99 -13.46 17.26
CA ASP A 314 15.13 -13.08 18.67
C ASP A 314 16.08 -11.91 18.92
N VAL A 315 16.99 -11.65 18.00
CA VAL A 315 17.90 -10.50 18.13
C VAL A 315 17.70 -9.37 17.06
N TYR A 316 16.68 -9.53 16.19
CA TYR A 316 16.31 -8.48 15.21
C TYR A 316 16.05 -7.13 15.87
N ALA A 317 15.28 -7.10 16.96
CA ALA A 317 14.96 -5.84 17.61
C ALA A 317 16.23 -5.12 18.07
N GLU A 318 17.11 -5.87 18.72
CA GLU A 318 18.28 -5.21 19.30
C GLU A 318 19.18 -4.76 18.15
N PHE A 319 19.23 -5.52 17.07
CA PHE A 319 20.01 -5.12 15.88
C PHE A 319 19.46 -3.83 15.24
N LEU A 320 18.13 -3.74 15.14
CA LEU A 320 17.49 -2.56 14.54
C LEU A 320 17.71 -1.35 15.42
N ASN A 321 17.64 -1.55 16.72
CA ASN A 321 17.89 -0.44 17.66
C ASN A 321 19.28 0.11 17.51
N LYS A 322 20.28 -0.75 17.31
CA LYS A 322 21.64 -0.28 16.98
C LYS A 322 21.71 0.50 15.66
N MET A 323 21.05 -0.02 14.61
CA MET A 323 21.05 0.70 13.35
C MET A 323 20.45 2.07 13.52
N LYS A 324 19.33 2.16 14.27
CA LYS A 324 18.69 3.44 14.46
C LYS A 324 19.60 4.43 15.15
N GLU A 325 20.26 3.96 16.21
CA GLU A 325 21.18 4.82 16.96
C GLU A 325 22.33 5.29 16.08
N LYS A 326 22.82 4.40 15.24
CA LYS A 326 23.94 4.70 14.36
C LYS A 326 23.59 5.48 13.06
N LEU A 327 22.31 5.51 12.73
CA LEU A 327 21.82 6.20 11.51
C LEU A 327 20.61 7.08 11.91
N PRO A 328 20.84 8.08 12.80
CA PRO A 328 19.70 8.72 13.47
C PRO A 328 18.81 9.57 12.54
N GLN A 329 19.38 10.07 11.45
CA GLN A 329 18.64 10.97 10.56
C GLN A 329 17.94 10.21 9.44
N TYR A 330 18.00 8.89 9.49
CA TYR A 330 17.45 8.06 8.44
C TYR A 330 16.27 7.24 8.93
N TYR A 331 15.26 7.13 8.05
CA TYR A 331 14.21 6.13 8.26
C TYR A 331 14.67 4.67 8.22
N LEU A 332 13.94 3.83 8.95
CA LEU A 332 14.29 2.44 9.08
C LEU A 332 13.08 1.52 9.25
N THR A 333 13.13 0.44 8.50
CA THR A 333 12.15 -0.62 8.63
C THR A 333 12.79 -1.96 8.25
N LEU A 334 12.21 -3.05 8.74
CA LEU A 334 12.68 -4.37 8.40
C LEU A 334 11.53 -5.27 7.94
N ASN A 335 11.67 -5.86 6.77
CA ASN A 335 10.67 -6.79 6.28
C ASN A 335 10.66 -8.01 7.19
N ASP A 336 9.54 -8.25 7.86
CA ASP A 336 9.34 -9.45 8.64
C ASP A 336 8.52 -10.41 7.74
N VAL A 337 9.19 -11.25 6.94
CA VAL A 337 8.53 -12.13 5.95
C VAL A 337 7.40 -12.89 6.61
N ASN A 338 6.22 -12.82 6.02
CA ASN A 338 5.02 -13.41 6.59
C ASN A 338 4.50 -12.77 7.85
N GLY A 339 5.24 -11.83 8.39
CA GLY A 339 4.81 -11.07 9.53
C GLY A 339 4.66 -11.79 10.85
N GLU A 340 5.45 -12.84 11.06
CA GLU A 340 5.25 -13.71 12.22
C GLU A 340 5.89 -13.28 13.55
N ASN A 341 6.64 -12.19 13.57
CA ASN A 341 7.46 -11.85 14.73
C ASN A 341 7.15 -10.49 15.30
N ILE A 342 5.93 -10.00 15.09
CA ILE A 342 5.61 -8.68 15.62
C ILE A 342 5.86 -8.60 17.11
N SER A 343 5.59 -9.69 17.84
CA SER A 343 5.75 -9.66 19.29
C SER A 343 7.21 -9.37 19.67
N LYS A 344 8.15 -9.91 18.89
CA LYS A 344 9.58 -9.71 19.13
C LYS A 344 10.00 -8.34 18.64
N LEU A 345 9.31 -7.82 17.64
CA LEU A 345 9.72 -6.55 17.03
C LEU A 345 8.98 -5.32 17.52
N ALA A 346 7.97 -5.52 18.36
CA ALA A 346 7.07 -4.42 18.73
C ALA A 346 7.76 -3.19 19.32
N ASN A 347 8.78 -3.40 20.14
CA ASN A 347 9.49 -2.29 20.77
C ASN A 347 10.71 -1.78 19.98
N SER A 348 10.97 -2.36 18.82
CA SER A 348 12.11 -1.93 18.00
C SER A 348 11.84 -0.53 17.42
N LYS A 349 12.92 0.17 17.11
CA LYS A 349 12.82 1.55 16.66
C LYS A 349 12.67 1.62 15.12
N GLN A 350 11.68 0.92 14.62
CA GLN A 350 11.31 0.99 13.21
C GLN A 350 10.39 2.17 13.04
N ASP A 351 10.58 2.91 11.97
CA ASP A 351 9.74 4.06 11.67
C ASP A 351 8.36 3.67 11.09
N VAL A 352 8.33 2.55 10.38
CA VAL A 352 7.09 1.98 9.89
C VAL A 352 7.24 0.47 10.00
N ILE A 353 6.12 -0.23 9.95
CA ILE A 353 6.04 -1.67 9.96
C ILE A 353 5.69 -2.16 8.56
N TYR A 354 6.54 -3.06 8.06
CA TYR A 354 6.42 -3.62 6.73
C TYR A 354 6.47 -5.13 6.79
N ASN A 355 5.44 -5.82 6.26
CA ASN A 355 5.46 -7.29 6.14
C ASN A 355 5.13 -7.69 4.69
N GLU A 356 6.00 -8.51 4.11
CA GLU A 356 5.69 -9.25 2.88
C GLU A 356 4.92 -10.47 3.31
N LEU A 357 3.68 -10.57 2.82
CA LEU A 357 2.81 -11.69 3.15
C LEU A 357 2.54 -12.65 2.00
N TRP A 358 2.74 -13.94 2.28
CA TRP A 358 2.49 -15.03 1.33
C TRP A 358 1.31 -15.84 1.83
N PRO A 359 0.55 -16.42 0.91
CA PRO A 359 -0.63 -17.19 1.33
C PRO A 359 -0.30 -18.46 2.16
N PHE A 360 0.95 -18.94 2.07
CA PHE A 360 1.36 -20.17 2.78
C PHE A 360 1.93 -19.87 4.16
N GLY A 361 2.08 -18.60 4.50
CA GLY A 361 2.47 -18.25 5.86
C GLY A 361 1.37 -18.59 6.85
N THR A 362 1.71 -18.74 8.13
CA THR A 362 0.71 -19.01 9.16
C THR A 362 -0.07 -17.74 9.48
N SER A 363 -1.40 -17.81 9.58
CA SER A 363 -2.26 -16.63 9.73
C SER A 363 -2.21 -16.15 11.15
N ALA A 364 -2.36 -14.83 11.36
CA ALA A 364 -2.50 -14.26 12.71
C ALA A 364 -3.74 -14.80 13.40
N LEU A 365 -4.66 -15.37 12.63
CA LEU A 365 -5.88 -15.93 13.19
C LEU A 365 -5.59 -17.23 13.93
N GLY A 366 -4.46 -17.85 13.64
CA GLY A 366 -4.15 -19.10 14.30
C GLY A 366 -3.90 -20.12 13.27
N ASN A 367 -4.15 -21.37 13.63
CA ASN A 367 -3.69 -22.52 12.86
C ASN A 367 -4.29 -22.72 11.46
N ARG A 368 -4.06 -21.75 10.57
CA ARG A 368 -4.48 -21.81 9.17
C ARG A 368 -3.48 -20.97 8.32
N PRO A 369 -3.38 -21.24 7.00
CA PRO A 369 -2.57 -20.39 6.12
C PRO A 369 -3.19 -18.98 5.93
N GLN A 370 -2.38 -17.95 5.71
CA GLN A 370 -2.94 -16.59 5.56
C GLN A 370 -3.37 -16.36 4.10
N GLU A 371 -4.37 -17.11 3.69
CA GLU A 371 -4.65 -17.20 2.26
C GLU A 371 -5.87 -16.40 1.79
N SER A 372 -6.71 -15.99 2.75
CA SER A 372 -7.96 -15.29 2.48
C SER A 372 -7.90 -13.81 2.82
N TYR A 373 -8.82 -13.02 2.27
CA TYR A 373 -8.90 -11.60 2.69
C TYR A 373 -8.92 -11.37 4.19
N GLY A 374 -9.61 -12.25 4.93
CA GLY A 374 -9.70 -12.09 6.36
C GLY A 374 -8.34 -12.28 7.06
N ASP A 375 -7.47 -13.13 6.52
CA ASP A 375 -6.15 -13.28 7.13
C ASP A 375 -5.31 -12.03 6.93
N LEU A 376 -5.55 -11.28 5.84
CA LEU A 376 -4.88 -9.97 5.67
C LEU A 376 -5.32 -8.98 6.76
N LYS A 377 -6.64 -8.86 6.96
CA LYS A 377 -7.15 -8.01 8.03
C LYS A 377 -6.53 -8.42 9.37
N ALA A 378 -6.53 -9.70 9.66
CA ALA A 378 -6.01 -10.17 10.98
C ALA A 378 -4.56 -9.74 11.25
N ARG A 379 -3.74 -9.76 10.20
CA ARG A 379 -2.33 -9.36 10.32
C ARG A 379 -2.22 -7.85 10.54
N VAL A 380 -3.00 -7.07 9.78
CA VAL A 380 -3.04 -5.61 9.97
C VAL A 380 -3.46 -5.31 11.44
N ASP A 381 -4.50 -5.99 11.88
CA ASP A 381 -5.02 -5.71 13.23
C ASP A 381 -3.96 -6.04 14.30
N GLN A 382 -3.31 -7.20 14.14
CA GLN A 382 -2.32 -7.70 15.09
C GLN A 382 -1.18 -6.68 15.24
N VAL A 383 -0.70 -6.18 14.11
CA VAL A 383 0.27 -5.11 14.15
C VAL A 383 -0.22 -3.84 14.80
N ARG A 384 -1.45 -3.41 14.55
CA ARG A 384 -1.93 -2.18 15.18
C ARG A 384 -2.02 -2.41 16.73
N GLN A 385 -2.41 -3.61 17.10
CA GLN A 385 -2.61 -3.90 18.53
C GLN A 385 -1.25 -3.84 19.23
N ALA A 386 -0.24 -4.40 18.55
CA ALA A 386 1.10 -4.48 19.13
C ALA A 386 1.86 -3.17 19.14
N THR A 387 1.55 -2.26 18.18
CA THR A 387 2.45 -1.12 17.93
C THR A 387 1.73 0.22 17.76
N GLY A 388 0.41 0.21 17.57
CA GLY A 388 -0.30 1.48 17.29
C GLY A 388 -0.08 1.94 15.84
N LYS A 389 0.66 1.17 15.04
CA LYS A 389 1.00 1.60 13.65
C LYS A 389 0.18 0.88 12.55
N SER A 390 0.03 1.57 11.40
CA SER A 390 -0.57 0.99 10.18
C SER A 390 0.42 0.16 9.41
N LEU A 391 0.13 -1.14 9.36
CA LEU A 391 0.92 -2.10 8.61
C LEU A 391 0.99 -1.84 7.08
N ILE A 392 2.18 -1.70 6.56
CA ILE A 392 2.34 -1.75 5.12
C ILE A 392 2.47 -3.20 4.71
N VAL A 393 1.63 -3.63 3.77
CA VAL A 393 1.59 -5.03 3.37
C VAL A 393 2.05 -5.24 1.94
N GLY A 394 3.06 -6.10 1.77
CA GLY A 394 3.45 -6.61 0.46
C GLY A 394 2.60 -7.84 0.27
N ALA A 395 1.69 -7.83 -0.72
CA ALA A 395 0.85 -8.98 -1.04
C ALA A 395 0.77 -9.06 -2.59
N TYR A 396 1.77 -9.72 -3.19
CA TYR A 396 1.91 -9.69 -4.62
C TYR A 396 0.77 -10.47 -5.28
N MET A 397 0.19 -9.88 -6.32
CA MET A 397 -1.01 -10.43 -6.96
C MET A 397 -0.76 -11.46 -8.11
N GLU A 398 -1.47 -12.58 -8.06
CA GLU A 398 -1.55 -13.62 -9.10
C GLU A 398 -0.26 -14.45 -9.24
N GLU A 399 0.89 -13.79 -9.38
CA GLU A 399 2.22 -14.45 -9.51
C GLU A 399 2.15 -15.66 -10.48
N PRO A 400 1.94 -15.39 -11.76
CA PRO A 400 1.91 -16.48 -12.77
C PRO A 400 3.22 -17.26 -12.70
N LYS A 401 3.15 -18.59 -12.71
CA LYS A 401 4.36 -19.39 -12.61
C LYS A 401 4.39 -20.46 -13.71
N PHE A 402 5.57 -20.68 -14.27
CA PHE A 402 5.77 -21.62 -15.37
C PHE A 402 6.84 -22.65 -14.97
N ASP A 403 6.80 -23.84 -15.55
CA ASP A 403 7.94 -24.73 -15.33
C ASP A 403 9.06 -24.35 -16.30
N ASP A 404 10.10 -25.18 -16.28
CA ASP A 404 11.28 -25.02 -17.13
C ASP A 404 10.99 -25.10 -18.64
N ASN A 405 9.84 -25.66 -19.02
CA ASN A 405 9.42 -25.70 -20.43
C ASN A 405 8.25 -24.80 -20.82
N ARG A 406 8.09 -23.68 -20.12
CA ARG A 406 6.96 -22.78 -20.34
C ARG A 406 5.58 -23.44 -20.21
N ILE A 407 5.49 -24.45 -19.35
CA ILE A 407 4.20 -25.03 -19.07
C ILE A 407 3.59 -24.26 -17.88
N PRO A 408 2.42 -23.59 -18.11
CA PRO A 408 1.75 -22.82 -17.02
C PRO A 408 1.53 -23.69 -15.80
N LEU A 409 1.93 -23.24 -14.63
CA LEU A 409 1.70 -24.02 -13.41
C LEU A 409 0.47 -23.55 -12.61
N ASN A 410 -0.10 -22.41 -12.99
CA ASN A 410 -1.35 -21.95 -12.39
C ASN A 410 -2.18 -21.24 -13.43
N GLY A 411 -3.43 -20.95 -13.09
CA GLY A 411 -4.31 -20.24 -14.03
C GLY A 411 -3.81 -18.87 -14.46
N ALA A 412 -3.12 -18.15 -13.57
CA ALA A 412 -2.58 -16.85 -13.95
C ALA A 412 -1.55 -16.98 -15.08
N ALA A 413 -0.67 -17.99 -15.02
CA ALA A 413 0.24 -18.34 -16.15
C ALA A 413 -0.54 -18.66 -17.45
N ARG A 414 -1.69 -19.34 -17.35
CA ARG A 414 -2.51 -19.49 -18.57
C ARG A 414 -2.98 -18.16 -19.10
N ASP A 415 -3.28 -17.21 -18.20
CA ASP A 415 -3.61 -15.85 -18.63
C ASP A 415 -2.43 -15.22 -19.36
N VAL A 416 -1.22 -15.44 -18.86
CA VAL A 416 -0.04 -14.79 -19.44
C VAL A 416 0.07 -15.25 -20.91
N LEU A 417 -0.14 -16.55 -21.13
CA LEU A 417 -0.08 -17.10 -22.49
C LEU A 417 -1.15 -16.55 -23.40
N ALA A 418 -2.28 -16.14 -22.82
CA ALA A 418 -3.35 -15.51 -23.60
C ALA A 418 -3.15 -14.01 -23.80
N SER A 419 -1.95 -13.50 -23.49
CA SER A 419 -1.67 -12.05 -23.45
C SER A 419 -2.74 -11.24 -22.68
N ALA A 420 -3.16 -11.77 -21.53
CA ALA A 420 -4.29 -11.20 -20.81
C ALA A 420 -3.83 -10.11 -19.83
N THR A 421 -4.80 -9.55 -19.11
CA THR A 421 -4.57 -8.46 -18.16
C THR A 421 -4.54 -9.04 -16.75
N TYR A 422 -4.07 -8.24 -15.78
CA TYR A 422 -4.31 -8.61 -14.33
C TYR A 422 -5.80 -8.68 -14.20
N GLN A 423 -6.31 -9.53 -13.32
CA GLN A 423 -7.77 -9.52 -13.08
C GLN A 423 -8.08 -8.35 -12.17
N THR A 424 -8.63 -7.29 -12.76
CA THR A 424 -8.82 -5.99 -12.14
C THR A 424 -9.43 -6.12 -10.73
N ASP A 425 -10.56 -6.81 -10.64
CA ASP A 425 -11.29 -6.82 -9.36
C ASP A 425 -10.61 -7.66 -8.28
N ALA A 426 -9.80 -8.62 -8.68
CA ALA A 426 -8.99 -9.38 -7.75
C ALA A 426 -7.97 -8.45 -7.07
N VAL A 427 -7.30 -7.61 -7.86
CA VAL A 427 -6.30 -6.68 -7.32
C VAL A 427 -6.97 -5.68 -6.38
N LEU A 428 -8.11 -5.16 -6.80
CA LEU A 428 -8.83 -4.13 -6.01
C LEU A 428 -9.35 -4.68 -4.71
N LEU A 429 -9.87 -5.90 -4.78
CA LEU A 429 -10.36 -6.52 -3.56
C LEU A 429 -9.29 -6.72 -2.49
N THR A 430 -8.08 -7.10 -2.91
CA THR A 430 -6.99 -7.22 -1.95
C THR A 430 -6.59 -5.86 -1.39
N THR A 431 -6.50 -4.85 -2.24
CA THR A 431 -6.20 -3.51 -1.79
C THR A 431 -7.26 -3.02 -0.79
N ALA A 432 -8.52 -3.28 -1.09
CA ALA A 432 -9.64 -2.91 -0.18
C ALA A 432 -9.52 -3.66 1.14
N ALA A 433 -9.32 -4.98 1.05
CA ALA A 433 -9.21 -5.78 2.28
C ALA A 433 -8.15 -5.21 3.24
N ILE A 434 -6.99 -4.82 2.70
CA ILE A 434 -5.89 -4.31 3.52
C ILE A 434 -6.19 -2.91 4.12
N ALA A 435 -6.74 -2.02 3.29
CA ALA A 435 -7.05 -0.65 3.63
C ALA A 435 -8.21 -0.55 4.59
N ALA A 436 -9.22 -1.39 4.34
CA ALA A 436 -10.45 -1.35 5.15
C ALA A 436 -10.08 -1.71 6.60
N ALA A 437 -9.11 -2.60 6.73
CA ALA A 437 -8.62 -3.08 8.05
C ALA A 437 -7.78 -2.06 8.77
N GLY A 438 -7.31 -1.03 8.05
CA GLY A 438 -6.36 -0.03 8.61
C GLY A 438 -4.90 -0.10 8.15
N GLY A 439 -4.65 -0.92 7.13
CA GLY A 439 -3.28 -1.05 6.62
C GLY A 439 -3.13 -0.32 5.31
N TYR A 440 -2.02 -0.63 4.65
CA TYR A 440 -1.79 -0.08 3.29
C TYR A 440 -1.15 -1.18 2.43
N HIS A 441 -1.75 -1.43 1.26
CA HIS A 441 -1.26 -2.45 0.36
C HIS A 441 -0.22 -1.82 -0.59
N MET A 442 1.06 -2.18 -0.41
CA MET A 442 2.13 -1.66 -1.28
C MET A 442 2.05 -2.50 -2.55
N SER A 443 1.38 -1.96 -3.54
CA SER A 443 1.00 -2.74 -4.71
C SER A 443 1.49 -2.05 -6.01
N LEU A 444 1.56 -0.73 -5.98
CA LEU A 444 1.87 0.06 -7.17
C LEU A 444 3.38 0.24 -7.38
N ALA A 445 3.80 0.26 -8.67
CA ALA A 445 5.22 0.25 -9.02
C ALA A 445 5.51 1.10 -10.25
N ALA A 446 6.65 1.80 -10.22
CA ALA A 446 7.11 2.57 -11.37
C ALA A 446 8.27 1.77 -11.92
N LEU A 447 8.03 1.05 -13.02
CA LEU A 447 9.00 0.06 -13.51
C LEU A 447 9.43 0.28 -14.98
N ALA A 448 8.97 1.37 -15.58
CA ALA A 448 9.20 1.65 -17.00
C ALA A 448 8.97 0.39 -17.81
N ASN A 449 7.85 -0.28 -17.49
CA ASN A 449 7.49 -1.54 -18.07
C ASN A 449 6.34 -1.40 -19.07
N PRO A 450 6.56 -1.88 -20.31
CA PRO A 450 5.55 -1.72 -21.38
C PRO A 450 4.16 -2.31 -21.03
N ASN A 451 4.14 -3.42 -20.30
CA ASN A 451 2.90 -4.08 -19.91
C ASN A 451 2.00 -3.28 -18.95
N ASP A 452 2.53 -2.17 -18.42
CA ASP A 452 1.75 -1.28 -17.59
C ASP A 452 0.99 -0.25 -18.43
N GLY A 453 1.15 -0.34 -19.78
CA GLY A 453 0.36 0.49 -20.69
C GLY A 453 0.31 1.98 -20.42
N GLY A 454 1.44 2.55 -20.04
CA GLY A 454 1.48 3.97 -19.73
C GLY A 454 1.05 4.41 -18.33
N GLY A 455 0.49 3.49 -17.53
CA GLY A 455 0.21 3.82 -16.13
C GLY A 455 1.23 3.16 -15.20
N VAL A 456 0.81 2.90 -13.95
CA VAL A 456 1.74 2.26 -13.02
C VAL A 456 1.50 0.74 -12.98
N GLY A 457 2.53 0.01 -12.58
CA GLY A 457 2.43 -1.44 -12.50
C GLY A 457 1.84 -1.92 -11.20
N VAL A 458 1.53 -3.21 -11.16
CA VAL A 458 0.98 -3.89 -9.96
C VAL A 458 1.98 -4.98 -9.61
N LEU A 459 2.51 -4.96 -8.39
CA LEU A 459 3.45 -6.00 -7.98
C LEU A 459 2.86 -7.40 -8.08
N GLU A 460 3.62 -8.28 -8.74
CA GLU A 460 3.11 -9.62 -9.00
C GLU A 460 3.96 -10.69 -8.37
N THR A 461 5.18 -10.35 -8.02
CA THR A 461 6.10 -11.35 -7.52
C THR A 461 7.19 -10.65 -6.69
N ALA A 462 7.95 -11.41 -5.88
CA ALA A 462 9.04 -10.83 -5.07
C ALA A 462 10.10 -10.09 -5.91
N TYR A 463 10.39 -10.61 -7.10
CA TYR A 463 11.18 -9.83 -8.04
C TYR A 463 10.38 -8.70 -8.72
N TYR A 464 10.39 -7.50 -8.11
CA TYR A 464 9.47 -6.41 -8.47
C TYR A 464 9.39 -6.03 -9.95
N PRO A 465 10.54 -6.02 -10.67
CA PRO A 465 10.54 -5.62 -12.10
C PRO A 465 9.61 -6.46 -13.02
N THR A 466 9.37 -7.70 -12.65
CA THR A 466 8.55 -8.61 -13.46
C THR A 466 7.09 -8.16 -13.58
N GLN A 467 6.64 -7.89 -14.83
CA GLN A 467 5.23 -7.66 -15.15
C GLN A 467 4.77 -8.57 -16.32
N SER A 468 4.23 -9.74 -15.99
CA SER A 468 3.92 -10.76 -16.98
C SER A 468 2.55 -10.53 -17.58
N LEU A 469 1.70 -9.78 -16.86
CA LEU A 469 0.36 -9.50 -17.30
C LEU A 469 0.27 -8.02 -17.54
N LYS A 470 -0.69 -7.60 -18.35
CA LYS A 470 -0.89 -6.18 -18.68
C LYS A 470 -1.82 -5.50 -17.61
N VAL A 471 -1.56 -4.23 -17.28
CA VAL A 471 -2.51 -3.40 -16.48
C VAL A 471 -3.45 -2.70 -17.45
N SER A 472 -4.73 -3.10 -17.39
CA SER A 472 -5.72 -2.50 -18.29
C SER A 472 -5.92 -1.06 -17.86
N LYS A 473 -6.53 -0.27 -18.75
CA LYS A 473 -6.85 1.12 -18.47
C LYS A 473 -7.90 1.21 -17.36
N GLU A 474 -8.79 0.22 -17.34
CA GLU A 474 -9.76 0.04 -16.26
C GLU A 474 -9.07 -0.08 -14.86
N LEU A 475 -8.18 -1.05 -14.71
CA LEU A 475 -7.41 -1.21 -13.47
C LEU A 475 -6.60 0.07 -13.12
N ASN A 476 -5.88 0.61 -14.11
CA ASN A 476 -5.18 1.86 -13.87
C ASN A 476 -6.06 2.96 -13.30
N ARG A 477 -7.21 3.19 -13.92
CA ARG A 477 -8.12 4.22 -13.45
C ARG A 477 -8.70 3.87 -12.06
N LYS A 478 -9.04 2.60 -11.84
CA LYS A 478 -9.63 2.21 -10.55
C LYS A 478 -8.59 2.23 -9.40
N ASN A 479 -7.35 1.84 -9.69
CA ASN A 479 -6.24 2.00 -8.73
C ASN A 479 -6.13 3.43 -8.29
N TYR A 480 -6.22 4.35 -9.25
CA TYR A 480 -6.17 5.79 -8.94
C TYR A 480 -7.33 6.17 -8.03
N HIS A 481 -8.56 5.80 -8.39
CA HIS A 481 -9.69 6.07 -7.49
C HIS A 481 -9.44 5.48 -6.09
N TYR A 482 -8.99 4.22 -6.04
CA TYR A 482 -8.70 3.58 -4.76
C TYR A 482 -7.67 4.35 -3.91
N GLN A 483 -6.56 4.78 -4.50
CA GLN A 483 -5.61 5.62 -3.79
C GLN A 483 -6.23 6.93 -3.27
N GLN A 484 -7.11 7.55 -4.05
CA GLN A 484 -7.72 8.76 -3.51
C GLN A 484 -8.54 8.46 -2.32
N PHE A 485 -9.25 7.35 -2.37
CA PHE A 485 -10.17 6.97 -1.29
C PHE A 485 -9.32 6.70 -0.03
N ILE A 486 -8.22 5.97 -0.23
CA ILE A 486 -7.35 5.60 0.90
C ILE A 486 -6.71 6.80 1.61
N THR A 487 -6.41 7.85 0.83
CA THR A 487 -5.93 9.12 1.36
C THR A 487 -7.05 9.95 2.02
N ALA A 488 -8.13 10.23 1.26
CA ALA A 488 -9.19 11.09 1.74
C ALA A 488 -9.82 10.58 3.04
N TYR A 489 -9.84 9.28 3.22
CA TYR A 489 -10.53 8.69 4.37
C TYR A 489 -9.59 8.07 5.35
N GLU A 490 -8.32 8.43 5.28
CA GLU A 490 -7.33 7.90 6.21
C GLU A 490 -7.73 8.10 7.68
N ASN A 491 -8.40 9.21 7.98
CA ASN A 491 -8.76 9.48 9.40
C ASN A 491 -9.87 8.55 9.89
N LEU A 492 -10.70 8.05 8.98
CA LEU A 492 -11.72 7.07 9.28
C LEU A 492 -11.18 5.65 9.27
N LEU A 493 -10.13 5.40 8.49
CA LEU A 493 -9.58 4.03 8.33
C LEU A 493 -8.50 3.65 9.36
N ARG A 494 -7.64 4.60 9.69
CA ARG A 494 -6.43 4.24 10.45
C ARG A 494 -5.86 5.42 11.24
N ASP A 495 -6.75 6.21 11.87
CA ASP A 495 -6.31 7.24 12.82
C ASP A 495 -7.05 6.97 14.16
N LYS A 496 -6.43 6.25 15.08
CA LYS A 496 -7.09 5.90 16.37
C LYS A 496 -8.44 5.20 16.14
N VAL A 497 -8.38 4.20 15.26
CA VAL A 497 -9.55 3.49 14.80
C VAL A 497 -9.35 2.03 15.12
N GLU A 498 -10.29 1.41 15.84
CA GLU A 498 -10.09 0.04 16.37
C GLU A 498 -11.24 -0.88 16.01
N ASN A 499 -11.04 -2.19 16.10
CA ASN A 499 -12.15 -3.13 15.97
C ASN A 499 -13.24 -2.82 16.96
N ASP A 500 -14.47 -3.00 16.52
CA ASP A 500 -15.64 -2.69 17.30
C ASP A 500 -16.27 -4.02 17.75
N SER A 501 -16.69 -4.11 19.03
CA SER A 501 -17.28 -5.35 19.52
C SER A 501 -18.72 -5.51 19.00
N ALA A 502 -19.36 -4.40 18.66
CA ALA A 502 -20.66 -4.41 18.01
C ALA A 502 -20.62 -5.10 16.63
N GLU A 503 -21.65 -5.90 16.34
CA GLU A 503 -21.66 -6.78 15.18
C GLU A 503 -22.73 -6.38 14.16
N PRO A 504 -22.35 -5.53 13.17
CA PRO A 504 -23.27 -5.17 12.07
C PRO A 504 -23.56 -6.37 11.18
N GLN A 505 -24.66 -6.34 10.45
CA GLN A 505 -24.99 -7.43 9.53
C GLN A 505 -25.61 -6.82 8.32
N THR A 506 -25.58 -7.58 7.23
CA THR A 506 -26.03 -7.08 5.92
C THR A 506 -27.08 -8.04 5.39
N PHE A 507 -28.15 -7.47 4.85
CA PHE A 507 -29.33 -8.17 4.32
C PHE A 507 -29.72 -7.66 2.95
N THR A 508 -30.31 -8.52 2.14
CA THR A 508 -30.98 -8.04 0.93
C THR A 508 -32.22 -7.25 1.35
N ALA A 509 -32.76 -6.49 0.41
CA ALA A 509 -34.00 -5.76 0.57
C ALA A 509 -35.14 -6.66 0.96
N ASN A 510 -34.99 -7.97 0.75
CA ASN A 510 -35.99 -8.95 1.21
C ASN A 510 -35.66 -9.73 2.47
N GLY A 511 -34.63 -9.31 3.20
CA GLY A 511 -34.28 -9.94 4.48
C GLY A 511 -33.37 -11.15 4.43
N ARG A 512 -32.81 -11.49 3.28
CA ARG A 512 -31.88 -12.60 3.20
C ARG A 512 -30.56 -12.14 3.81
N GLN A 513 -30.02 -12.87 4.79
CA GLN A 513 -28.79 -12.39 5.40
C GLN A 513 -27.59 -12.66 4.49
N LEU A 514 -26.81 -11.63 4.22
CA LEU A 514 -25.63 -11.80 3.35
C LEU A 514 -24.29 -11.82 4.09
N SER A 515 -24.22 -11.24 5.27
CA SER A 515 -22.98 -11.27 6.08
C SER A 515 -22.89 -12.62 6.83
N GLN A 516 -22.03 -13.54 6.41
CA GLN A 516 -22.02 -14.90 7.00
C GLN A 516 -20.84 -15.22 7.89
N ASP A 517 -19.71 -14.55 7.62
CA ASP A 517 -18.46 -14.79 8.34
C ASP A 517 -17.68 -13.48 8.56
N ALA A 518 -17.82 -12.84 9.74
CA ALA A 518 -17.14 -11.59 10.04
C ALA A 518 -15.60 -11.68 10.01
N LEU A 519 -15.06 -12.90 10.10
CA LEU A 519 -13.63 -13.08 9.95
C LEU A 519 -13.15 -12.87 8.52
N GLY A 520 -14.01 -13.02 7.51
CA GLY A 520 -13.59 -12.83 6.11
C GLY A 520 -12.78 -14.01 5.59
N ILE A 521 -12.90 -15.17 6.25
CA ILE A 521 -12.26 -16.41 5.82
C ILE A 521 -13.02 -17.06 4.68
N ASN A 522 -14.34 -16.96 4.72
CA ASN A 522 -15.20 -17.58 3.71
C ASN A 522 -15.71 -16.58 2.70
N GLY A 523 -15.83 -16.99 1.43
CA GLY A 523 -16.42 -16.09 0.41
C GLY A 523 -17.96 -16.23 0.33
N ASP A 524 -18.55 -15.80 -0.79
CA ASP A 524 -19.98 -15.81 -1.00
C ASP A 524 -20.74 -15.11 0.09
N GLN A 525 -20.28 -13.91 0.46
CA GLN A 525 -20.97 -13.13 1.46
C GLN A 525 -20.70 -11.68 1.17
N VAL A 526 -21.46 -10.81 1.84
CA VAL A 526 -21.02 -9.42 2.02
C VAL A 526 -20.29 -9.41 3.35
N TRP A 527 -18.96 -9.38 3.27
CA TRP A 527 -18.11 -9.35 4.45
C TRP A 527 -18.31 -7.99 5.14
N THR A 528 -18.80 -8.05 6.38
CA THR A 528 -19.31 -6.89 7.11
C THR A 528 -18.70 -6.84 8.52
N TYR A 529 -18.09 -5.72 8.88
CA TYR A 529 -17.59 -5.54 10.24
C TYR A 529 -17.44 -4.08 10.54
N ALA A 530 -17.37 -3.73 11.84
CA ALA A 530 -17.39 -2.35 12.23
C ALA A 530 -16.07 -1.94 12.82
N LYS A 531 -15.82 -0.64 12.78
CA LYS A 531 -14.68 -0.09 13.47
C LYS A 531 -15.14 1.10 14.32
N LYS A 532 -14.39 1.42 15.35
CA LYS A 532 -14.76 2.59 16.14
C LYS A 532 -13.61 3.57 16.27
N GLY A 533 -13.97 4.83 16.15
CA GLY A 533 -13.04 5.90 16.34
C GLY A 533 -13.53 6.68 17.55
N ASN A 534 -12.79 7.74 17.85
CA ASN A 534 -13.04 8.52 19.03
C ASN A 534 -14.47 9.01 18.99
N ASP A 535 -14.85 9.43 17.80
CA ASP A 535 -15.99 10.26 17.53
C ASP A 535 -17.11 9.64 16.65
N PHE A 536 -16.96 8.37 16.27
CA PHE A 536 -17.71 7.86 15.12
C PHE A 536 -17.59 6.36 15.07
N ARG A 537 -18.41 5.74 14.23
CA ARG A 537 -18.27 4.34 13.91
C ARG A 537 -18.16 4.22 12.41
N THR A 538 -17.51 3.16 11.92
CA THR A 538 -17.58 2.86 10.48
C THR A 538 -18.05 1.42 10.32
N ILE A 539 -18.61 1.11 9.15
CA ILE A 539 -18.90 -0.27 8.79
C ILE A 539 -18.26 -0.55 7.44
N GLN A 540 -17.34 -1.52 7.40
CA GLN A 540 -16.74 -1.91 6.14
C GLN A 540 -17.62 -2.98 5.54
N LEU A 541 -18.01 -2.77 4.29
CA LEU A 541 -18.67 -3.81 3.53
C LEU A 541 -17.81 -4.20 2.32
N LEU A 542 -17.40 -5.46 2.27
CA LEU A 542 -16.57 -5.91 1.14
C LEU A 542 -17.36 -6.96 0.45
N ASN A 543 -17.58 -6.75 -0.84
CA ASN A 543 -18.39 -7.67 -1.65
C ASN A 543 -17.68 -8.94 -2.11
N LEU A 544 -18.05 -10.07 -1.52
CA LEU A 544 -17.53 -11.39 -1.91
C LEU A 544 -18.71 -12.26 -2.37
N MET A 545 -19.83 -11.63 -2.75
CA MET A 545 -20.98 -12.41 -3.29
C MET A 545 -20.65 -13.19 -4.56
N GLY A 546 -20.79 -14.51 -4.49
CA GLY A 546 -20.49 -15.40 -5.63
C GLY A 546 -19.02 -15.63 -5.97
N ILE A 547 -18.12 -15.15 -5.07
CA ILE A 547 -16.68 -15.33 -5.30
C ILE A 547 -16.00 -15.95 -4.06
N THR A 548 -14.84 -16.54 -4.29
CA THR A 548 -14.02 -17.09 -3.23
C THR A 548 -13.27 -15.98 -2.49
N SER A 549 -12.70 -16.37 -1.35
CA SER A 549 -12.05 -15.44 -0.43
C SER A 549 -10.52 -15.39 -0.56
N ASP A 550 -9.93 -16.22 -1.43
CA ASP A 550 -8.45 -16.17 -1.61
C ASP A 550 -7.97 -14.81 -2.12
N TRP A 551 -7.00 -14.21 -1.43
CA TRP A 551 -6.60 -12.85 -1.85
C TRP A 551 -5.70 -12.84 -3.07
N LYS A 552 -4.89 -13.89 -3.24
CA LYS A 552 -3.82 -13.82 -4.29
C LYS A 552 -4.34 -14.03 -5.73
N ASN A 553 -5.46 -14.74 -5.87
CA ASN A 553 -5.97 -15.06 -7.27
C ASN A 553 -4.89 -15.71 -8.18
N GLU A 554 -4.22 -16.74 -7.67
CA GLU A 554 -3.21 -17.49 -8.48
C GLU A 554 -3.85 -18.13 -9.72
N ASP A 555 -5.17 -18.26 -9.68
CA ASP A 555 -5.95 -18.85 -10.78
C ASP A 555 -6.19 -17.84 -11.88
N GLY A 556 -5.88 -16.56 -11.65
CA GLY A 556 -6.26 -15.55 -12.65
C GLY A 556 -7.74 -15.63 -13.05
N TYR A 557 -8.04 -15.32 -14.30
CA TYR A 557 -9.44 -15.32 -14.78
C TYR A 557 -10.19 -16.66 -14.73
N GLU A 558 -9.48 -17.77 -14.51
CA GLU A 558 -10.11 -19.07 -14.30
C GLU A 558 -11.00 -19.06 -13.06
N ASN A 559 -10.70 -18.20 -12.09
CA ASN A 559 -11.56 -18.03 -10.94
C ASN A 559 -12.02 -16.56 -10.94
N ASN A 560 -13.22 -16.32 -11.45
CA ASN A 560 -13.77 -14.97 -11.52
C ASN A 560 -13.80 -14.29 -10.16
N LYS A 561 -13.29 -13.06 -10.12
CA LYS A 561 -13.27 -12.27 -8.88
C LYS A 561 -14.17 -11.05 -8.91
N THR A 562 -15.05 -10.95 -9.90
CA THR A 562 -16.00 -9.84 -9.92
C THR A 562 -17.23 -10.35 -9.20
N PRO A 563 -17.50 -9.80 -8.00
CA PRO A 563 -18.61 -10.30 -7.20
C PRO A 563 -19.91 -9.78 -7.78
N ASP A 564 -21.03 -10.41 -7.42
CA ASP A 564 -22.36 -10.01 -7.92
C ASP A 564 -22.64 -8.61 -7.37
N GLU A 565 -22.89 -7.63 -8.24
CA GLU A 565 -23.17 -6.30 -7.72
C GLU A 565 -24.48 -6.33 -6.88
N GLN A 566 -24.50 -5.63 -5.75
CA GLN A 566 -25.71 -5.59 -4.92
C GLN A 566 -26.36 -4.19 -4.92
N THR A 567 -27.69 -4.11 -4.76
CA THR A 567 -28.37 -2.81 -4.69
C THR A 567 -29.44 -2.93 -3.60
N ASN A 568 -29.83 -1.79 -3.03
CA ASN A 568 -30.83 -1.68 -1.96
C ASN A 568 -30.64 -2.68 -0.81
N LEU A 569 -29.43 -2.68 -0.29
CA LEU A 569 -29.11 -3.53 0.86
C LEU A 569 -29.60 -2.87 2.12
N LEU A 570 -29.80 -3.70 3.13
CA LEU A 570 -30.08 -3.21 4.48
C LEU A 570 -28.94 -3.60 5.43
N VAL A 571 -28.32 -2.62 6.06
CA VAL A 571 -27.32 -2.92 7.08
C VAL A 571 -27.88 -2.57 8.47
N THR A 572 -27.76 -3.50 9.40
CA THR A 572 -28.14 -3.19 10.77
C THR A 572 -26.90 -2.98 11.60
N TYR A 573 -26.96 -1.98 12.50
CA TYR A 573 -25.87 -1.71 13.41
C TYR A 573 -26.46 -1.40 14.82
N PRO A 574 -26.10 -2.19 15.84
CA PRO A 574 -26.54 -2.00 17.23
C PRO A 574 -25.73 -0.94 17.95
N LEU A 575 -26.44 -0.05 18.64
CA LEU A 575 -25.80 0.95 19.48
C LEU A 575 -25.78 0.43 20.91
N THR A 576 -24.87 -0.52 21.17
CA THR A 576 -24.87 -1.30 22.43
C THR A 576 -25.04 -0.39 23.65
N GLY A 577 -24.09 0.52 23.88
CA GLY A 577 -24.20 1.41 25.02
C GLY A 577 -25.43 2.31 25.03
N VAL A 578 -25.84 2.74 23.85
CA VAL A 578 -26.56 4.00 23.66
C VAL A 578 -28.02 4.08 24.14
N SER A 579 -28.38 5.26 24.64
CA SER A 579 -29.77 5.60 24.98
C SER A 579 -30.59 5.80 23.71
N MET A 580 -31.91 5.63 23.80
CA MET A 580 -32.82 5.90 22.68
C MET A 580 -32.74 7.37 22.26
N ALA A 581 -32.28 8.23 23.17
CA ALA A 581 -32.11 9.68 22.89
C ALA A 581 -31.11 9.98 21.76
N GLU A 582 -29.85 9.60 21.97
CA GLU A 582 -28.80 9.86 20.98
C GLU A 582 -29.03 9.05 19.68
N ALA A 583 -29.59 7.83 19.79
CA ALA A 583 -29.90 6.99 18.61
C ALA A 583 -30.63 7.73 17.50
N ASP A 584 -31.71 8.45 17.83
CA ASP A 584 -32.40 9.24 16.81
C ASP A 584 -31.58 10.41 16.29
N ARG A 585 -30.63 10.89 17.10
CA ARG A 585 -29.70 11.93 16.67
C ARG A 585 -28.76 11.28 15.61
N ILE A 586 -27.94 10.35 16.10
CA ILE A 586 -27.02 9.53 15.29
C ILE A 586 -27.65 9.07 13.95
N ALA A 587 -28.87 8.52 14.02
CA ALA A 587 -29.58 8.05 12.82
C ALA A 587 -29.70 9.07 11.69
N LYS A 588 -29.59 10.37 12.01
CA LYS A 588 -29.63 11.42 10.97
C LYS A 588 -28.25 11.72 10.36
N GLN A 589 -27.22 11.08 10.91
CA GLN A 589 -25.82 11.40 10.56
C GLN A 589 -25.09 10.11 10.13
N VAL A 590 -25.71 9.39 9.20
CA VAL A 590 -25.17 8.15 8.61
C VAL A 590 -24.90 8.44 7.17
N TYR A 591 -23.65 8.19 6.73
CA TYR A 591 -23.17 8.48 5.38
C TYR A 591 -22.51 7.25 4.77
N LEU A 592 -22.32 7.26 3.47
CA LEU A 592 -21.59 6.15 2.83
C LEU A 592 -20.67 6.78 1.78
N THR A 593 -19.51 6.15 1.61
CA THR A 593 -18.61 6.52 0.54
C THR A 593 -18.01 5.25 -0.07
N SER A 594 -17.50 5.34 -1.30
CA SER A 594 -16.91 4.14 -1.90
C SER A 594 -15.94 4.68 -2.92
N PRO A 595 -14.82 3.96 -3.15
CA PRO A 595 -13.93 4.34 -4.26
C PRO A 595 -14.41 3.80 -5.61
N ASP A 596 -15.46 2.98 -5.60
CA ASP A 596 -15.93 2.36 -6.86
C ASP A 596 -16.58 3.42 -7.78
N ASP A 597 -16.76 3.09 -9.06
CA ASP A 597 -17.19 4.11 -10.04
C ASP A 597 -18.42 4.92 -9.65
N TRP A 598 -19.41 4.31 -8.99
CA TRP A 598 -20.63 5.03 -8.72
C TRP A 598 -20.46 6.22 -7.79
N LEU A 599 -19.39 6.23 -6.98
CA LEU A 599 -19.13 7.34 -6.05
C LEU A 599 -17.74 7.99 -6.18
N GLN A 600 -16.70 7.19 -6.37
CA GLN A 600 -15.35 7.69 -6.52
C GLN A 600 -14.99 8.67 -5.38
N SER A 601 -15.26 8.20 -4.16
CA SER A 601 -14.93 8.88 -2.88
C SER A 601 -15.96 9.98 -2.49
N SER A 602 -16.92 10.29 -3.36
CA SER A 602 -18.02 11.13 -2.97
C SER A 602 -18.69 10.43 -1.81
N MET A 603 -19.41 11.21 -0.99
CA MET A 603 -20.00 10.72 0.24
C MET A 603 -21.44 11.10 0.24
N ILE A 604 -22.32 10.13 0.52
CA ILE A 604 -23.76 10.37 0.47
C ILE A 604 -24.45 10.10 1.79
N SER A 605 -25.56 10.79 1.96
CA SER A 605 -26.39 10.63 3.14
C SER A 605 -27.26 9.38 3.00
N LEU A 606 -27.34 8.53 4.03
CA LEU A 606 -28.16 7.32 3.93
C LEU A 606 -29.45 7.41 4.75
N ALA A 607 -30.54 6.97 4.12
CA ALA A 607 -31.82 6.78 4.80
C ALA A 607 -31.67 5.71 5.86
N THR A 608 -32.07 6.03 7.10
CA THR A 608 -31.85 5.19 8.26
C THR A 608 -33.10 5.27 9.16
N GLN A 609 -33.49 4.15 9.74
CA GLN A 609 -34.56 4.08 10.74
C GLN A 609 -33.94 3.49 11.98
N VAL A 610 -34.51 3.82 13.13
CA VAL A 610 -34.09 3.27 14.40
C VAL A 610 -35.13 2.25 14.87
N LYS A 611 -34.66 1.06 15.29
CA LYS A 611 -35.52 0.02 15.86
C LYS A 611 -34.83 -0.48 17.12
N THR A 612 -35.34 -1.51 17.76
CA THR A 612 -34.65 -2.06 18.95
C THR A 612 -34.44 -3.57 18.77
N ASN A 613 -33.21 -4.05 18.99
CA ASN A 613 -32.85 -5.44 18.65
C ASN A 613 -33.29 -6.46 19.69
N GLU A 614 -33.05 -7.75 19.39
CA GLU A 614 -33.37 -8.86 20.30
C GLU A 614 -33.00 -8.56 21.76
N ASN A 615 -31.78 -8.06 21.97
CA ASN A 615 -31.25 -7.67 23.30
C ASN A 615 -32.00 -6.55 24.04
N GLY A 616 -32.44 -5.51 23.30
CA GLY A 616 -33.08 -4.33 23.91
C GLY A 616 -32.45 -2.99 23.55
N ASP A 617 -31.25 -3.02 22.95
CA ASP A 617 -30.56 -1.82 22.43
C ASP A 617 -31.27 -1.18 21.21
N PRO A 618 -31.03 0.13 20.97
CA PRO A 618 -31.43 0.75 19.70
C PRO A 618 -30.57 0.21 18.54
N VAL A 619 -31.12 0.14 17.33
CA VAL A 619 -30.42 -0.47 16.18
C VAL A 619 -30.69 0.34 14.94
N LEU A 620 -29.64 0.82 14.30
CA LEU A 620 -29.81 1.49 13.03
C LEU A 620 -30.14 0.47 11.93
N TYR A 621 -31.17 0.79 11.15
CA TYR A 621 -31.55 0.13 9.89
C TYR A 621 -31.19 1.03 8.74
N ILE A 622 -30.02 0.74 8.17
CA ILE A 622 -29.34 1.67 7.25
C ILE A 622 -29.61 1.22 5.81
N GLN A 623 -30.09 2.14 4.98
CA GLN A 623 -30.37 1.76 3.60
C GLN A 623 -29.15 2.03 2.72
N VAL A 624 -28.60 0.97 2.11
CA VAL A 624 -27.41 1.06 1.24
C VAL A 624 -27.79 0.89 -0.22
N PRO A 625 -27.67 1.95 -1.03
CA PRO A 625 -28.14 1.90 -2.42
C PRO A 625 -27.42 0.89 -3.28
N ARG A 626 -26.13 0.70 -3.04
CA ARG A 626 -25.28 0.01 -4.01
C ARG A 626 -24.01 -0.49 -3.34
N LEU A 627 -23.55 -1.66 -3.78
CA LEU A 627 -22.27 -2.22 -3.35
C LEU A 627 -21.66 -2.92 -4.53
N THR A 628 -20.56 -2.34 -5.00
CA THR A 628 -19.87 -2.93 -6.13
C THR A 628 -18.75 -3.81 -5.60
N LEU A 629 -17.69 -3.22 -5.06
CA LEU A 629 -16.67 -4.01 -4.37
C LEU A 629 -16.55 -3.65 -2.89
N TRP A 630 -16.54 -2.36 -2.62
CA TRP A 630 -16.18 -1.86 -1.29
C TRP A 630 -16.96 -0.59 -0.93
N ASP A 631 -17.80 -0.69 0.10
CA ASP A 631 -18.44 0.49 0.70
C ASP A 631 -17.92 0.71 2.10
N MET A 632 -17.87 1.99 2.51
CA MET A 632 -17.66 2.28 3.93
C MET A 632 -18.83 3.16 4.38
N ILE A 633 -19.54 2.65 5.37
CA ILE A 633 -20.54 3.48 6.09
C ILE A 633 -19.81 4.26 7.20
N TYR A 634 -20.20 5.52 7.37
CA TYR A 634 -19.64 6.36 8.38
C TYR A 634 -20.78 6.89 9.29
N ILE A 635 -20.67 6.60 10.58
CA ILE A 635 -21.73 6.98 11.54
C ILE A 635 -21.15 7.93 12.58
N LEU A 636 -21.62 9.18 12.60
CA LEU A 636 -21.16 10.15 13.62
C LEU A 636 -21.85 9.95 14.94
N GLU A 637 -21.09 9.86 16.02
CA GLU A 637 -21.67 9.80 17.34
C GLU A 637 -21.14 10.97 18.18
N HIS A 638 -21.45 12.20 17.76
CA HIS A 638 -21.23 13.50 18.48
C HIS A 638 -20.93 14.58 17.44
#